data_3NSU
#
_entry.id   3NSU
#
_cell.length_a   82.390
_cell.length_b   73.050
_cell.length_c   37.510
_cell.angle_alpha   90.00
_cell.angle_beta   90.00
_cell.angle_gamma   90.00
#
_symmetry.space_group_name_H-M   'P 21 21 2'
#
loop_
_entity.id
_entity.type
_entity.pdbx_description
1 polymer 'Phosphatidylinositol 4,5-bisphosphate-binding protein SLM1'
2 non-polymer 'SULFATE ION'
3 water water
#
_entity_poly.entity_id   1
_entity_poly.type   'polypeptide(L)'
_entity_poly.pdbx_seq_one_letter_code
;DHPFTEIKSGFLERRSKFLKSYSKGYYVLTPNFLHEFKTADRKKDLVPVMSLALSECTVTEHSRKNSTSSPNSTGSDAKF
VLHAKQNGIIRRGHNWVFKADSYESMMSWFDNLKILTSTS
;
_entity_poly.pdbx_strand_id   A,B
#
loop_
_chem_comp.id
_chem_comp.type
_chem_comp.name
_chem_comp.formula
SO4 non-polymer 'SULFATE ION' 'O4 S -2'
#
# COMPACT_ATOMS: atom_id res chain seq x y z
N PRO A 3 -4.22 14.28 -3.32
CA PRO A 3 -5.31 13.31 -3.36
C PRO A 3 -4.80 11.89 -3.04
N PHE A 4 -5.71 11.01 -2.61
CA PHE A 4 -5.35 9.71 -2.04
C PHE A 4 -6.65 9.00 -1.70
N THR A 5 -6.79 7.73 -2.07
CA THR A 5 -8.02 7.01 -1.69
C THR A 5 -7.97 6.55 -0.23
N GLU A 6 -7.65 7.48 0.67
CA GLU A 6 -7.65 7.17 2.11
C GLU A 6 -9.05 7.04 2.66
N ILE A 7 -9.28 5.97 3.42
CA ILE A 7 -10.54 5.76 4.10
C ILE A 7 -10.45 6.28 5.53
N LYS A 8 -9.35 5.96 6.20
CA LYS A 8 -9.06 6.47 7.54
C LYS A 8 -7.55 6.60 7.74
N SER A 9 -7.12 7.60 8.51
CA SER A 9 -5.72 7.67 8.94
C SER A 9 -5.61 8.21 10.35
N GLY A 10 -4.49 7.91 11.01
CA GLY A 10 -4.26 8.39 12.35
C GLY A 10 -3.14 7.62 13.01
N PHE A 11 -2.67 8.11 14.14
CA PHE A 11 -1.57 7.48 14.87
C PHE A 11 -2.08 6.26 15.63
N LEU A 12 -1.24 5.22 15.69
CA LEU A 12 -1.52 4.01 16.45
C LEU A 12 -0.22 3.50 17.00
N GLU A 13 -0.29 2.83 18.14
CA GLU A 13 0.84 2.05 18.63
C GLU A 13 0.70 0.56 18.31
N ARG A 14 1.73 -0.01 17.70
CA ARG A 14 1.76 -1.45 17.46
C ARG A 14 2.73 -2.12 18.42
N ARG A 15 2.26 -3.18 19.07
CA ARG A 15 3.10 -3.93 20.01
C ARG A 15 4.12 -4.80 19.26
N SER A 16 5.38 -4.68 19.67
CA SER A 16 6.42 -5.50 19.07
C SER A 16 6.34 -6.92 19.59
N LYS A 17 6.58 -7.88 18.71
CA LYS A 17 6.57 -9.29 19.10
C LYS A 17 7.80 -9.71 19.93
N PHE A 18 8.92 -9.04 19.74
CA PHE A 18 10.14 -9.44 20.44
C PHE A 18 10.69 -8.41 21.41
N LEU A 19 10.47 -7.13 21.11
CA LEU A 19 11.14 -6.08 21.85
C LEU A 19 10.42 -5.63 23.12
N LYS A 20 9.25 -6.21 23.37
CA LYS A 20 8.48 -5.88 24.56
C LYS A 20 8.24 -4.38 24.70
N SER A 21 7.71 -3.80 23.63
CA SER A 21 7.47 -2.37 23.62
C SER A 21 6.51 -2.06 22.49
N TYR A 22 5.96 -0.85 22.54
CA TYR A 22 5.14 -0.34 21.47
C TYR A 22 5.97 0.58 20.58
N SER A 23 5.60 0.70 19.32
CA SER A 23 6.15 1.72 18.46
C SER A 23 4.98 2.45 17.82
N LYS A 24 4.95 3.77 17.97
CA LYS A 24 3.92 4.58 17.35
C LYS A 24 4.24 4.88 15.89
N GLY A 25 3.26 4.66 15.03
CA GLY A 25 3.38 5.00 13.63
C GLY A 25 2.17 5.79 13.19
N TYR A 26 2.23 6.33 11.98
CA TYR A 26 1.08 6.97 11.37
C TYR A 26 0.48 5.98 10.36
N TYR A 27 -0.78 5.63 10.54
CA TYR A 27 -1.41 4.58 9.75
C TYR A 27 -2.44 5.12 8.75
N VAL A 28 -2.41 4.58 7.54
CA VAL A 28 -3.37 4.99 6.52
C VAL A 28 -4.04 3.75 5.96
N LEU A 29 -5.35 3.72 6.10
CA LEU A 29 -6.20 2.63 5.64
C LEU A 29 -6.74 2.95 4.26
N THR A 30 -6.47 2.08 3.30
CA THR A 30 -7.02 2.20 1.96
C THR A 30 -7.84 0.95 1.69
N PRO A 31 -8.59 0.91 0.59
CA PRO A 31 -9.37 -0.31 0.34
C PRO A 31 -8.48 -1.55 0.19
N ASN A 32 -7.17 -1.36 0.03
CA ASN A 32 -6.23 -2.44 -0.25
C ASN A 32 -5.28 -2.83 0.90
N PHE A 33 -4.81 -1.84 1.64
CA PHE A 33 -3.79 -2.06 2.66
C PHE A 33 -4.05 -1.21 3.89
N LEU A 34 -3.51 -1.66 5.02
CA LEU A 34 -3.21 -0.76 6.12
C LEU A 34 -1.73 -0.43 5.99
N HIS A 35 -1.41 0.82 5.68
CA HIS A 35 -0.02 1.23 5.49
C HIS A 35 0.48 1.85 6.78
N GLU A 36 1.73 1.57 7.14
CA GLU A 36 2.38 2.30 8.23
C GLU A 36 3.38 3.29 7.65
N PHE A 37 3.35 4.53 8.14
CA PHE A 37 4.35 5.55 7.81
C PHE A 37 4.98 6.05 9.12
N LYS A 38 6.19 6.59 9.04
CA LYS A 38 6.83 7.13 10.23
C LYS A 38 6.15 8.42 10.69
N THR A 39 5.73 9.25 9.75
CA THR A 39 5.15 10.54 10.10
C THR A 39 3.84 10.77 9.37
N ALA A 40 3.15 11.84 9.77
CA ALA A 40 1.89 12.22 9.16
C ALA A 40 2.05 13.06 7.89
N ASP A 41 3.28 13.36 7.49
CA ASP A 41 3.50 14.23 6.31
C ASP A 41 3.30 13.51 4.98
N ARG A 42 2.09 13.58 4.44
CA ARG A 42 1.78 12.81 3.23
C ARG A 42 2.35 13.48 1.98
N LYS A 43 3.02 14.62 2.16
CA LYS A 43 3.69 15.29 1.04
C LYS A 43 5.15 14.88 0.94
N LYS A 44 5.76 14.55 2.06
CA LYS A 44 7.20 14.33 2.08
C LYS A 44 7.61 12.95 2.59
N ASP A 45 6.67 12.27 3.23
CA ASP A 45 6.91 10.94 3.77
C ASP A 45 6.01 9.97 3.01
N LEU A 46 6.52 9.43 1.91
CA LEU A 46 5.65 8.82 0.90
C LEU A 46 5.82 7.32 0.68
N VAL A 47 6.85 6.73 1.29
CA VAL A 47 7.03 5.28 1.19
C VAL A 47 6.68 4.55 2.50
N PRO A 48 5.68 3.65 2.45
CA PRO A 48 5.27 2.95 3.67
C PRO A 48 6.44 2.20 4.27
N VAL A 49 6.52 2.20 5.60
CA VAL A 49 7.49 1.35 6.27
C VAL A 49 6.98 -0.09 6.26
N MET A 50 5.66 -0.24 6.15
CA MET A 50 5.01 -1.55 6.08
C MET A 50 3.64 -1.37 5.45
N SER A 51 3.26 -2.31 4.58
CA SER A 51 1.90 -2.35 4.06
C SER A 51 1.32 -3.74 4.25
N LEU A 52 0.29 -3.81 5.10
CA LEU A 52 -0.44 -5.04 5.36
C LEU A 52 -1.61 -5.21 4.39
N ALA A 53 -1.54 -6.23 3.55
CA ALA A 53 -2.62 -6.55 2.62
C ALA A 53 -3.88 -6.95 3.39
N LEU A 54 -4.98 -6.26 3.11
CA LEU A 54 -6.23 -6.49 3.82
C LEU A 54 -6.89 -7.81 3.41
N SER A 55 -6.68 -8.23 2.16
CA SER A 55 -7.28 -9.47 1.67
C SER A 55 -7.00 -10.65 2.60
N GLU A 56 -5.85 -10.65 3.27
CA GLU A 56 -5.51 -11.77 4.14
C GLU A 56 -5.32 -11.41 5.64
N CYS A 57 -5.98 -10.35 6.08
CA CYS A 57 -6.07 -10.00 7.50
C CYS A 57 -7.49 -10.15 7.98
N THR A 58 -7.66 -10.33 9.28
CA THR A 58 -8.95 -10.21 9.92
C THR A 58 -8.76 -9.50 11.26
N VAL A 59 -9.75 -8.76 11.71
CA VAL A 59 -9.71 -8.23 13.05
C VAL A 59 -10.52 -9.20 13.87
N THR A 60 -9.95 -9.64 14.99
CA THR A 60 -10.57 -10.67 15.80
C THR A 60 -11.16 -10.05 17.07
N GLU A 61 -10.33 -9.77 18.06
CA GLU A 61 -10.85 -9.25 19.33
C GLU A 61 -10.46 -7.79 19.59
N HIS A 62 -11.10 -7.21 20.59
CA HIS A 62 -10.77 -5.87 21.03
C HIS A 62 -11.05 -5.78 22.52
N SER A 63 -10.49 -4.75 23.14
CA SER A 63 -10.66 -4.53 24.57
C SER A 63 -12.15 -4.40 24.89
N ARG A 64 -12.52 -4.72 26.13
CA ARG A 64 -13.84 -4.33 26.64
C ARG A 64 -13.69 -3.03 27.39
N LYS A 65 -14.56 -2.08 27.10
CA LYS A 65 -14.51 -0.76 27.73
C LYS A 65 -14.39 -0.88 29.25
N ASN A 66 -13.74 0.09 29.86
CA ASN A 66 -13.67 0.14 31.31
C ASN A 66 -14.98 0.65 31.87
N SER A 67 -15.74 -0.27 32.46
CA SER A 67 -17.06 0.06 32.98
C SER A 67 -17.27 -0.66 34.30
N THR A 68 -18.41 -0.42 34.94
CA THR A 68 -18.74 -1.11 36.19
C THR A 68 -18.97 -2.62 35.95
N SER A 69 -19.40 -2.98 34.74
CA SER A 69 -19.65 -4.37 34.36
C SER A 69 -18.36 -5.18 34.19
N SER A 70 -17.30 -4.50 33.79
CA SER A 70 -16.00 -5.12 33.60
C SER A 70 -14.93 -4.04 33.76
N PRO A 71 -14.52 -3.77 35.01
CA PRO A 71 -13.49 -2.77 35.32
C PRO A 71 -12.14 -3.29 34.88
N ASN A 72 -11.40 -2.50 34.09
CA ASN A 72 -10.19 -3.03 33.48
C ASN A 72 -8.93 -2.51 34.14
N SER A 73 -8.76 -2.88 35.42
CA SER A 73 -7.63 -2.43 36.23
C SER A 73 -6.26 -2.45 35.54
N THR A 74 -6.00 -3.49 34.74
CA THR A 74 -4.67 -3.76 34.17
C THR A 74 -3.98 -2.60 33.42
N GLY A 75 -4.61 -2.11 32.36
CA GLY A 75 -3.99 -1.10 31.52
C GLY A 75 -5.02 -0.34 30.70
N SER A 76 -4.76 -0.18 29.41
CA SER A 76 -5.70 0.54 28.56
C SER A 76 -6.79 -0.37 28.01
N ASP A 77 -7.90 0.24 27.60
CA ASP A 77 -9.01 -0.49 26.99
C ASP A 77 -9.18 0.00 25.55
N ALA A 78 -8.05 0.24 24.89
CA ALA A 78 -8.07 0.82 23.55
C ALA A 78 -7.29 -0.04 22.58
N LYS A 79 -7.30 -1.35 22.82
CA LYS A 79 -6.51 -2.28 22.02
C LYS A 79 -7.39 -3.13 21.11
N PHE A 80 -6.81 -3.60 20.01
CA PHE A 80 -7.43 -4.62 19.16
C PHE A 80 -6.38 -5.54 18.54
N VAL A 81 -6.82 -6.68 18.03
CA VAL A 81 -5.93 -7.65 17.40
C VAL A 81 -6.25 -7.77 15.93
N LEU A 82 -5.22 -7.63 15.11
CA LEU A 82 -5.31 -7.85 13.68
C LEU A 82 -4.56 -9.14 13.40
N HIS A 83 -5.28 -10.11 12.85
CA HIS A 83 -4.72 -11.41 12.54
C HIS A 83 -4.38 -11.52 11.06
N ALA A 84 -3.19 -12.03 10.76
CA ALA A 84 -2.80 -12.36 9.38
C ALA A 84 -3.04 -13.85 9.10
N LYS A 85 -3.50 -14.16 7.90
CA LYS A 85 -3.87 -15.54 7.56
C LYS A 85 -2.73 -16.30 6.87
N HIS A 94 1.68 -12.84 13.25
CA HIS A 94 0.45 -13.58 13.01
C HIS A 94 -0.73 -12.81 13.61
N ASN A 95 -0.54 -12.33 14.83
CA ASN A 95 -1.57 -11.55 15.52
C ASN A 95 -0.98 -10.25 16.06
N TRP A 96 -1.16 -9.16 15.33
CA TRP A 96 -0.62 -7.88 15.72
C TRP A 96 -1.56 -7.19 16.70
N VAL A 97 -1.01 -6.66 17.78
CA VAL A 97 -1.78 -5.90 18.78
C VAL A 97 -1.59 -4.41 18.58
N PHE A 98 -2.68 -3.70 18.33
CA PHE A 98 -2.64 -2.25 18.14
C PHE A 98 -3.30 -1.55 19.32
N LYS A 99 -2.83 -0.36 19.64
CA LYS A 99 -3.40 0.45 20.72
C LYS A 99 -3.66 1.86 20.24
N ALA A 100 -4.92 2.29 20.32
CA ALA A 100 -5.31 3.63 19.93
C ALA A 100 -5.32 4.54 21.15
N ASP A 101 -5.76 5.79 20.96
CA ASP A 101 -5.81 6.79 22.03
C ASP A 101 -6.91 6.52 23.04
N SER A 102 -8.01 5.95 22.56
CA SER A 102 -9.16 5.72 23.44
C SER A 102 -9.99 4.57 22.91
N TYR A 103 -10.87 4.04 23.76
CA TYR A 103 -11.78 2.97 23.36
C TYR A 103 -12.52 3.39 22.10
N GLU A 104 -12.98 4.64 22.06
CA GLU A 104 -13.78 5.17 20.96
C GLU A 104 -12.99 5.19 19.66
N SER A 105 -11.77 5.72 19.74
CA SER A 105 -10.92 5.74 18.57
C SER A 105 -10.62 4.33 18.10
N MET A 106 -10.23 3.46 19.04
CA MET A 106 -10.02 2.04 18.74
C MET A 106 -11.22 1.44 18.01
N MET A 107 -12.44 1.74 18.47
CA MET A 107 -13.63 1.13 17.86
C MET A 107 -13.87 1.59 16.44
N SER A 108 -13.55 2.85 16.16
CA SER A 108 -13.56 3.33 14.78
C SER A 108 -12.56 2.59 13.86
N TRP A 109 -11.37 2.29 14.36
CA TRP A 109 -10.40 1.54 13.56
C TRP A 109 -10.91 0.11 13.30
N PHE A 110 -11.35 -0.53 14.38
CA PHE A 110 -11.83 -1.89 14.34
C PHE A 110 -12.97 -2.03 13.33
N ASP A 111 -13.97 -1.18 13.48
CA ASP A 111 -15.12 -1.26 12.58
C ASP A 111 -14.75 -0.99 11.14
N ASN A 112 -13.92 0.02 10.91
CA ASN A 112 -13.48 0.31 9.56
C ASN A 112 -12.62 -0.80 8.94
N LEU A 113 -11.84 -1.49 9.76
CA LEU A 113 -11.07 -2.64 9.32
C LEU A 113 -11.97 -3.86 9.06
N LYS A 114 -12.97 -4.04 9.94
CA LYS A 114 -13.88 -5.18 9.86
C LYS A 114 -14.54 -5.27 8.48
N ILE A 115 -15.06 -4.15 7.99
CA ILE A 115 -15.81 -4.15 6.73
C ILE A 115 -14.95 -4.24 5.48
N LEU A 116 -13.64 -4.14 5.64
CA LEU A 116 -12.71 -4.29 4.52
C LEU A 116 -12.04 -5.67 4.52
N THR A 117 -12.36 -6.49 5.50
CA THR A 117 -11.69 -7.78 5.66
C THR A 117 -12.64 -8.96 5.90
N SER A 118 -13.88 -8.84 5.43
CA SER A 118 -14.85 -9.91 5.62
C SER A 118 -14.49 -11.07 4.69
N THR A 119 -13.63 -10.75 3.73
CA THR A 119 -13.10 -11.70 2.73
C THR A 119 -14.14 -12.00 1.65
N PRO B 3 -12.13 -7.28 -3.09
CA PRO B 3 -12.39 -5.97 -2.46
C PRO B 3 -11.25 -5.00 -2.74
N PHE B 4 -10.41 -5.34 -3.72
CA PHE B 4 -9.25 -4.53 -4.08
C PHE B 4 -9.64 -3.42 -5.06
N THR B 5 -9.06 -2.25 -4.88
CA THR B 5 -9.19 -1.21 -5.89
C THR B 5 -7.90 -1.14 -6.72
N GLU B 6 -7.91 -1.75 -7.90
CA GLU B 6 -6.78 -1.61 -8.82
C GLU B 6 -7.22 -1.00 -10.14
N ILE B 7 -6.41 -0.10 -10.67
CA ILE B 7 -6.68 0.50 -11.98
C ILE B 7 -6.16 -0.38 -13.13
N LYS B 8 -4.98 -0.97 -12.95
CA LYS B 8 -4.44 -1.89 -13.93
C LYS B 8 -3.42 -2.81 -13.28
N SER B 9 -3.29 -4.02 -13.81
CA SER B 9 -2.31 -4.96 -13.30
C SER B 9 -1.75 -5.74 -14.48
N GLY B 10 -0.51 -6.18 -14.37
CA GLY B 10 0.13 -6.90 -15.47
C GLY B 10 1.64 -6.89 -15.33
N PHE B 11 2.32 -7.70 -16.14
CA PHE B 11 3.75 -7.81 -16.09
C PHE B 11 4.43 -6.66 -16.82
N LEU B 12 5.50 -6.14 -16.22
CA LEU B 12 6.35 -5.13 -16.85
C LEU B 12 7.80 -5.46 -16.56
N GLU B 13 8.67 -5.03 -17.47
CA GLU B 13 10.11 -5.10 -17.28
C GLU B 13 10.64 -3.70 -17.02
N ARG B 14 11.40 -3.56 -15.94
CA ARG B 14 11.97 -2.27 -15.56
C ARG B 14 13.45 -2.27 -15.87
N ARG B 15 13.93 -1.25 -16.58
CA ARG B 15 15.34 -1.17 -16.97
C ARG B 15 16.26 -0.72 -15.84
N SER B 16 17.41 -1.38 -15.72
CA SER B 16 18.49 -0.84 -14.88
C SER B 16 19.30 0.09 -15.74
N LYS B 17 19.34 1.37 -15.41
CA LYS B 17 20.14 2.29 -16.22
C LYS B 17 21.57 1.79 -16.27
N PHE B 18 22.14 1.57 -15.08
CA PHE B 18 23.55 1.19 -14.96
C PHE B 18 23.88 -0.13 -15.64
N LEU B 19 23.09 -1.17 -15.38
CA LEU B 19 23.40 -2.49 -15.92
C LEU B 19 22.91 -2.72 -17.34
N LYS B 20 22.10 -1.80 -17.86
CA LYS B 20 21.63 -1.90 -19.24
C LYS B 20 20.82 -3.15 -19.47
N SER B 21 20.07 -3.57 -18.45
CA SER B 21 19.26 -4.76 -18.54
C SER B 21 17.92 -4.57 -17.84
N TYR B 22 17.02 -5.53 -18.01
CA TYR B 22 15.68 -5.45 -17.45
C TYR B 22 15.43 -6.47 -16.37
N SER B 23 14.52 -6.15 -15.47
CA SER B 23 14.06 -7.10 -14.45
C SER B 23 12.53 -7.12 -14.49
N LYS B 24 11.94 -8.30 -14.66
CA LYS B 24 10.50 -8.41 -14.85
C LYS B 24 9.76 -8.62 -13.53
N GLY B 25 8.59 -7.99 -13.42
CA GLY B 25 7.76 -8.22 -12.26
C GLY B 25 6.30 -8.03 -12.59
N TYR B 26 5.44 -8.40 -11.65
CA TYR B 26 4.02 -8.19 -11.82
C TYR B 26 3.67 -6.90 -11.11
N TYR B 27 3.11 -5.96 -11.85
CA TYR B 27 2.80 -4.66 -11.28
C TYR B 27 1.32 -4.46 -11.13
N VAL B 28 0.95 -3.69 -10.10
CA VAL B 28 -0.42 -3.32 -9.85
C VAL B 28 -0.48 -1.82 -9.67
N LEU B 29 -1.30 -1.17 -10.48
CA LEU B 29 -1.44 0.26 -10.42
C LEU B 29 -2.73 0.59 -9.67
N THR B 30 -2.63 1.42 -8.64
CA THR B 30 -3.79 1.83 -7.86
C THR B 30 -3.91 3.34 -7.95
N PRO B 31 -4.97 3.92 -7.35
CA PRO B 31 -5.04 5.38 -7.42
C PRO B 31 -3.86 6.06 -6.72
N ASN B 32 -3.13 5.31 -5.90
CA ASN B 32 -2.08 5.88 -5.05
C ASN B 32 -0.64 5.44 -5.36
N PHE B 33 -0.48 4.23 -5.86
CA PHE B 33 0.84 3.62 -5.99
C PHE B 33 1.02 2.84 -7.29
N LEU B 34 2.27 2.71 -7.74
CA LEU B 34 2.63 1.64 -8.64
C LEU B 34 3.39 0.62 -7.78
N HIS B 35 2.75 -0.51 -7.50
CA HIS B 35 3.34 -1.60 -6.71
C HIS B 35 3.99 -2.67 -7.59
N GLU B 36 5.14 -3.17 -7.16
CA GLU B 36 5.79 -4.30 -7.81
C GLU B 36 5.69 -5.53 -6.93
N PHE B 37 5.26 -6.63 -7.51
CA PHE B 37 5.24 -7.91 -6.82
C PHE B 37 6.13 -8.87 -7.61
N LYS B 38 6.65 -9.89 -6.92
CA LYS B 38 7.47 -10.92 -7.59
C LYS B 38 6.65 -11.75 -8.57
N THR B 39 5.43 -12.09 -8.19
CA THR B 39 4.60 -12.97 -9.00
C THR B 39 3.16 -12.47 -9.08
N ALA B 40 2.35 -13.14 -9.87
CA ALA B 40 0.98 -12.69 -10.08
C ALA B 40 0.01 -13.38 -9.11
N ASP B 41 0.55 -14.11 -8.14
CA ASP B 41 -0.28 -14.84 -7.18
C ASP B 41 -0.82 -13.90 -6.12
N ARG B 42 -1.97 -13.32 -6.41
CA ARG B 42 -2.57 -12.32 -5.55
C ARG B 42 -3.07 -12.92 -4.24
N LYS B 43 -3.30 -14.24 -4.22
CA LYS B 43 -3.76 -14.89 -3.00
C LYS B 43 -2.64 -15.06 -2.00
N LYS B 44 -1.43 -15.35 -2.49
CA LYS B 44 -0.34 -15.78 -1.61
C LYS B 44 0.91 -14.88 -1.65
N ASP B 45 0.98 -13.97 -2.61
CA ASP B 45 2.15 -13.07 -2.75
C ASP B 45 1.62 -11.64 -2.59
N LEU B 46 1.54 -11.19 -1.35
CA LEU B 46 0.77 -9.99 -1.05
C LEU B 46 1.55 -8.81 -0.46
N VAL B 47 2.87 -8.95 -0.39
CA VAL B 47 3.71 -7.82 0.03
C VAL B 47 4.54 -7.28 -1.14
N PRO B 48 4.25 -6.02 -1.53
CA PRO B 48 5.01 -5.41 -2.62
C PRO B 48 6.50 -5.40 -2.30
N VAL B 49 7.34 -5.71 -3.29
CA VAL B 49 8.77 -5.54 -3.09
C VAL B 49 9.16 -4.08 -3.29
N MET B 50 8.23 -3.29 -3.82
CA MET B 50 8.44 -1.86 -4.00
C MET B 50 7.10 -1.17 -4.23
N SER B 51 6.90 -0.04 -3.57
CA SER B 51 5.70 0.78 -3.80
C SER B 51 6.08 2.21 -4.19
N LEU B 52 5.68 2.61 -5.39
CA LEU B 52 6.03 3.94 -5.91
C LEU B 52 4.88 4.90 -5.77
N ALA B 53 5.05 5.91 -4.92
CA ALA B 53 4.00 6.89 -4.70
C ALA B 53 3.77 7.73 -5.97
N LEU B 54 2.55 7.71 -6.47
CA LEU B 54 2.27 8.38 -7.74
C LEU B 54 2.36 9.90 -7.61
N SER B 55 2.10 10.39 -6.40
CA SER B 55 2.16 11.82 -6.13
C SER B 55 3.52 12.45 -6.46
N GLU B 56 4.57 11.65 -6.42
CA GLU B 56 5.89 12.18 -6.74
C GLU B 56 6.44 11.67 -8.07
N CYS B 57 5.57 11.17 -8.95
CA CYS B 57 5.97 10.71 -10.27
C CYS B 57 5.31 11.52 -11.36
N THR B 58 5.88 11.47 -12.56
CA THR B 58 5.24 12.00 -13.76
C THR B 58 5.64 11.10 -14.94
N VAL B 59 4.79 11.02 -15.95
CA VAL B 59 5.16 10.27 -17.15
C VAL B 59 5.38 11.25 -18.29
N THR B 60 6.49 11.09 -18.99
CA THR B 60 6.85 12.02 -20.06
C THR B 60 6.75 11.34 -21.42
N GLU B 61 7.77 10.57 -21.74
CA GLU B 61 7.91 9.90 -23.03
C GLU B 61 7.30 8.51 -23.11
N HIS B 62 6.90 8.13 -24.32
CA HIS B 62 6.64 6.72 -24.61
C HIS B 62 7.01 6.46 -26.05
N SER B 63 7.18 5.19 -26.39
CA SER B 63 7.48 4.81 -27.75
C SER B 63 6.34 5.21 -28.66
N ARG B 64 6.66 5.41 -29.93
CA ARG B 64 5.67 5.60 -30.96
C ARG B 64 5.51 4.23 -31.61
N LYS B 65 4.32 3.94 -32.11
CA LYS B 65 4.06 2.64 -32.72
C LYS B 65 5.11 2.30 -33.78
N ASN B 66 5.73 3.32 -34.36
CA ASN B 66 6.85 3.10 -35.28
C ASN B 66 8.25 3.14 -34.66
N SER B 67 8.34 3.41 -33.36
CA SER B 67 9.63 3.52 -32.66
C SER B 67 10.59 2.38 -33.00
N THR B 68 11.89 2.69 -33.02
CA THR B 68 12.93 1.69 -33.27
C THR B 68 14.21 2.04 -32.50
N GLY B 75 11.15 -5.14 -27.84
CA GLY B 75 9.97 -4.33 -27.62
C GLY B 75 10.22 -2.84 -27.68
N SER B 76 10.88 -2.41 -28.76
CA SER B 76 11.19 -1.00 -28.97
C SER B 76 9.89 -0.23 -29.13
N ASP B 77 8.82 -1.01 -29.23
CA ASP B 77 7.49 -0.50 -29.50
C ASP B 77 6.76 -0.12 -28.21
N ALA B 78 7.25 -0.60 -27.08
CA ALA B 78 6.42 -0.72 -25.89
C ALA B 78 7.01 -0.14 -24.61
N LYS B 79 7.75 0.97 -24.72
CA LYS B 79 8.39 1.56 -23.54
C LYS B 79 7.77 2.89 -23.14
N PHE B 80 7.96 3.22 -21.87
CA PHE B 80 7.62 4.53 -21.36
C PHE B 80 8.53 4.88 -20.20
N VAL B 81 8.68 6.17 -19.94
CA VAL B 81 9.50 6.68 -18.86
C VAL B 81 8.65 7.21 -17.72
N LEU B 82 8.96 6.79 -16.50
CA LEU B 82 8.32 7.32 -15.32
C LEU B 82 9.39 8.10 -14.57
N HIS B 83 9.12 9.39 -14.37
CA HIS B 83 10.06 10.29 -13.74
C HIS B 83 9.68 10.53 -12.28
N ALA B 84 10.67 10.51 -11.39
CA ALA B 84 10.47 10.86 -9.99
C ALA B 84 10.69 12.36 -9.77
N LYS B 85 10.10 12.89 -8.70
CA LYS B 85 10.27 14.29 -8.33
C LYS B 85 10.91 14.42 -6.95
N HIS B 94 16.92 9.80 -11.96
CA HIS B 94 15.55 9.77 -11.46
C HIS B 94 14.51 9.49 -12.55
N ASN B 95 14.92 8.70 -13.55
CA ASN B 95 14.05 8.28 -14.62
C ASN B 95 14.07 6.75 -14.73
N TRP B 96 12.90 6.14 -14.64
CA TRP B 96 12.78 4.70 -14.80
C TRP B 96 12.20 4.42 -16.16
N VAL B 97 12.80 3.47 -16.88
CA VAL B 97 12.26 3.05 -18.16
C VAL B 97 11.58 1.70 -17.98
N PHE B 98 10.30 1.65 -18.35
CA PHE B 98 9.52 0.41 -18.28
C PHE B 98 9.21 -0.08 -19.68
N LYS B 99 9.07 -1.39 -19.82
CA LYS B 99 8.75 -1.98 -21.11
C LYS B 99 7.60 -2.99 -20.97
N ALA B 100 6.52 -2.78 -21.74
CA ALA B 100 5.38 -3.72 -21.71
C ALA B 100 5.51 -4.76 -22.82
N ASP B 101 4.46 -5.54 -23.04
CA ASP B 101 4.49 -6.58 -24.07
C ASP B 101 4.22 -6.07 -25.49
N SER B 102 3.58 -4.91 -25.59
CA SER B 102 3.23 -4.38 -26.89
C SER B 102 2.93 -2.90 -26.77
N TYR B 103 2.83 -2.24 -27.93
CA TYR B 103 2.44 -0.83 -27.99
C TYR B 103 1.11 -0.57 -27.28
N GLU B 104 0.11 -1.40 -27.58
CA GLU B 104 -1.22 -1.26 -27.01
C GLU B 104 -1.22 -1.43 -25.49
N SER B 105 -0.56 -2.48 -25.00
CA SER B 105 -0.46 -2.69 -23.57
C SER B 105 0.25 -1.50 -22.90
N MET B 106 1.33 -1.03 -23.53
CA MET B 106 2.04 0.13 -23.00
C MET B 106 1.18 1.40 -22.92
N MET B 107 0.38 1.66 -23.96
CA MET B 107 -0.43 2.87 -24.00
C MET B 107 -1.54 2.82 -22.94
N SER B 108 -1.94 1.61 -22.57
CA SER B 108 -2.89 1.45 -21.50
C SER B 108 -2.23 1.89 -20.19
N TRP B 109 -1.01 1.43 -19.95
CA TRP B 109 -0.27 1.87 -18.77
C TRP B 109 -0.05 3.36 -18.83
N PHE B 110 0.41 3.86 -19.97
CA PHE B 110 0.74 5.29 -20.11
C PHE B 110 -0.44 6.23 -19.88
N ASP B 111 -1.55 5.95 -20.55
CA ASP B 111 -2.72 6.83 -20.49
C ASP B 111 -3.25 6.94 -19.05
N ASN B 112 -3.31 5.83 -18.35
CA ASN B 112 -3.68 5.87 -16.94
C ASN B 112 -2.68 6.65 -16.10
N LEU B 113 -1.40 6.32 -16.22
CA LEU B 113 -0.37 7.01 -15.45
C LEU B 113 -0.35 8.51 -15.73
N LYS B 114 -0.66 8.89 -16.97
CA LYS B 114 -0.68 10.30 -17.34
C LYS B 114 -1.76 11.08 -16.56
N ILE B 115 -2.94 10.49 -16.45
CA ILE B 115 -4.03 11.12 -15.71
C ILE B 115 -3.75 11.14 -14.21
N LEU B 116 -3.33 9.99 -13.68
CA LEU B 116 -3.02 9.86 -12.25
C LEU B 116 -1.95 10.83 -11.75
N THR B 117 -1.00 11.19 -12.62
CA THR B 117 0.18 11.96 -12.20
C THR B 117 0.17 13.42 -12.63
N SER B 118 -0.76 13.79 -13.50
CA SER B 118 -0.83 15.15 -14.01
C SER B 118 -1.23 16.14 -12.92
N THR B 119 -0.65 17.34 -12.98
CA THR B 119 -1.02 18.48 -12.11
C THR B 119 -0.46 19.78 -12.67
S SO4 C . -0.68 -1.64 27.80
O1 SO4 C . -0.47 -2.76 26.88
O2 SO4 C . 0.27 -1.74 28.90
O3 SO4 C . -0.45 -0.39 27.08
O4 SO4 C . -2.04 -1.66 28.32
S SO4 D . 4.78 -8.98 25.18
O1 SO4 D . 4.26 -8.37 23.97
O2 SO4 D . 5.16 -7.94 26.13
O3 SO4 D . 3.77 -9.83 25.81
O4 SO4 D . 5.95 -9.81 24.81
S SO4 E . -3.49 1.30 -2.26
O1 SO4 E . -4.93 1.13 -2.34
O2 SO4 E . -3.07 2.60 -2.72
O3 SO4 E . -3.09 1.12 -0.88
O4 SO4 E . -2.83 0.29 -3.08
S SO4 F . 16.91 -1.82 -24.75
O1 SO4 F . 15.52 -1.58 -24.36
O2 SO4 F . 17.03 -1.62 -26.19
O3 SO4 F . 17.79 -0.88 -24.05
O4 SO4 F . 17.27 -3.20 -24.42
#